data_8UFM
#
_entry.id   8UFM
#
_cell.length_a   86.274
_cell.length_b   86.274
_cell.length_c   76.674
_cell.angle_alpha   90.000
_cell.angle_beta   90.000
_cell.angle_gamma   120.000
#
_symmetry.space_group_name_H-M   'P 31 2 1'
#
loop_
_entity.id
_entity.type
_entity.pdbx_description
1 polymer 'Papain-like protease nsp3'
2 non-polymer 'FORMIC ACID'
3 non-polymer 'ACETATE ION'
4 non-polymer 'SULFATE ION'
5 water water
#
_entity_poly.entity_id   1
_entity_poly.type   'polypeptide(L)'
_entity_poly.pdbx_seq_one_letter_code
;SNAKIKACVEEVTTTLEETKFLTENLLLYIDINGNLHPDSATLVSDIDITFLKKDAPYIVGDVVQEGVLTAVVIPTKKAG
GTTE(MSE)LAKALRKVPTDNYITTYPGQGCNGYTVEEAKTVLKKCKSAFYILPSIISNEKQEILGTVSWNLRE(MSE)L
AHAEETRKL(MSE)PVCVETKAIVSTIQRKYKGIKIQEGVVDYGARFYFYTSKTTVASLINTLNDLNETLVT(MSE)PLG
YVTHGLNLEEAARC(MSE)RSLKVPATVSVSSPDAVTAYNGYLTSSSKT
;
_entity_poly.pdbx_strand_id   A
#
# COMPACT_ATOMS: atom_id res chain seq x y z
N ALA A 3 -32.63 8.99 1.29
CA ALA A 3 -33.39 8.52 0.09
C ALA A 3 -32.91 7.11 -0.32
N LYS A 4 -33.76 6.36 -1.02
CA LYS A 4 -33.47 4.97 -1.48
C LYS A 4 -32.16 4.96 -2.30
N ILE A 5 -31.27 4.01 -2.00
CA ILE A 5 -29.92 3.93 -2.66
C ILE A 5 -30.00 3.05 -3.91
N LYS A 6 -29.42 3.57 -5.00
CA LYS A 6 -29.35 2.93 -6.34
C LYS A 6 -28.14 1.99 -6.41
N ALA A 7 -28.25 0.80 -5.80
CA ALA A 7 -27.17 -0.22 -5.71
C ALA A 7 -26.40 -0.33 -7.04
N CYS A 8 -25.07 -0.20 -6.99
CA CYS A 8 -24.21 -0.32 -8.21
C CYS A 8 -22.73 -0.35 -7.84
N VAL A 9 -21.91 -0.86 -8.75
CA VAL A 9 -20.42 -0.82 -8.70
C VAL A 9 -20.02 -0.17 -10.03
N GLU A 10 -19.52 1.07 -9.99
CA GLU A 10 -19.18 1.76 -11.25
C GLU A 10 -17.77 2.34 -11.14
N GLU A 11 -16.89 1.94 -12.06
CA GLU A 11 -15.50 2.48 -12.09
C GLU A 11 -15.55 3.85 -12.78
N VAL A 12 -14.92 4.85 -12.18
CA VAL A 12 -14.84 6.21 -12.78
C VAL A 12 -13.38 6.43 -13.20
N THR A 13 -13.12 7.43 -14.05
CA THR A 13 -11.74 7.72 -14.50
C THR A 13 -11.28 9.05 -13.86
N THR A 14 -12.14 9.63 -13.02
CA THR A 14 -11.89 10.96 -12.39
C THR A 14 -11.10 10.82 -11.09
N THR A 15 -10.34 11.87 -10.77
CA THR A 15 -9.62 11.94 -9.47
C THR A 15 -10.67 12.02 -8.36
N LEU A 16 -10.23 11.92 -7.12
CA LEU A 16 -11.15 12.02 -5.97
C LEU A 16 -11.94 13.34 -6.04
N GLU A 17 -11.25 14.48 -6.17
CA GLU A 17 -11.97 15.79 -6.19
C GLU A 17 -13.00 15.83 -7.32
N GLU A 18 -12.62 15.31 -8.49
CA GLU A 18 -13.48 15.33 -9.70
C GLU A 18 -14.65 14.34 -9.59
N THR A 19 -14.68 13.48 -8.56
CA THR A 19 -15.75 12.46 -8.39
C THR A 19 -16.75 12.90 -7.30
N LYS A 20 -16.40 13.91 -6.47
CA LYS A 20 -17.26 14.35 -5.35
C LYS A 20 -18.63 14.88 -5.85
N PHE A 21 -18.75 15.23 -7.13
CA PHE A 21 -20.08 15.68 -7.60
C PHE A 21 -21.08 14.51 -7.46
N LEU A 22 -20.60 13.26 -7.36
CA LEU A 22 -21.55 12.12 -7.24
C LEU A 22 -21.98 11.94 -5.78
N THR A 23 -21.04 12.13 -4.85
CA THR A 23 -21.29 12.01 -3.39
C THR A 23 -20.06 12.50 -2.63
N GLU A 24 -20.26 13.00 -1.40
CA GLU A 24 -19.15 13.51 -0.55
C GLU A 24 -18.63 12.35 0.31
N ASN A 25 -19.39 11.25 0.34
CA ASN A 25 -19.06 10.12 1.27
C ASN A 25 -17.91 9.27 0.74
N LEU A 26 -16.89 9.05 1.57
CA LEU A 26 -15.75 8.17 1.19
C LEU A 26 -15.77 6.91 2.06
N LEU A 27 -15.52 5.76 1.44
CA LEU A 27 -15.38 4.49 2.19
C LEU A 27 -13.91 4.09 2.21
N LEU A 28 -13.33 4.03 3.40
CA LEU A 28 -11.89 3.75 3.62
C LEU A 28 -11.72 2.36 4.22
N TYR A 29 -10.55 1.78 4.02
CA TYR A 29 -10.24 0.43 4.57
C TYR A 29 -9.14 0.61 5.61
N ILE A 30 -9.32 -0.01 6.77
CA ILE A 30 -8.28 0.09 7.85
C ILE A 30 -7.96 -1.32 8.33
N ASP A 31 -6.85 -1.43 9.08
CA ASP A 31 -6.44 -2.71 9.72
C ASP A 31 -6.97 -2.71 11.16
N ILE A 32 -6.66 -3.75 11.94
CA ILE A 32 -7.18 -3.88 13.33
C ILE A 32 -6.66 -2.73 14.22
N ASN A 33 -5.60 -2.04 13.80
CA ASN A 33 -5.01 -0.93 14.61
C ASN A 33 -5.53 0.42 14.13
N GLY A 34 -6.44 0.45 13.14
CA GLY A 34 -6.98 1.73 12.66
C GLY A 34 -6.09 2.40 11.62
N ASN A 35 -5.05 1.69 11.15
CA ASN A 35 -4.14 2.28 10.13
C ASN A 35 -4.82 2.18 8.77
N LEU A 36 -4.69 3.24 7.97
CA LEU A 36 -5.34 3.22 6.63
C LEU A 36 -4.55 2.35 5.65
N HIS A 37 -5.30 1.63 4.83
CA HIS A 37 -4.72 0.88 3.70
C HIS A 37 -4.08 1.92 2.78
N PRO A 38 -2.95 1.63 2.09
CA PRO A 38 -2.32 2.60 1.20
C PRO A 38 -3.28 3.20 0.16
N ASP A 39 -4.22 2.39 -0.33
CA ASP A 39 -5.20 2.87 -1.32
C ASP A 39 -6.11 3.93 -0.69
N SER A 40 -6.38 3.82 0.60
CA SER A 40 -7.31 4.76 1.30
C SER A 40 -6.55 5.95 1.86
N ALA A 41 -5.25 5.77 2.14
CA ALA A 41 -4.42 6.80 2.82
C ALA A 41 -4.36 8.14 2.08
N THR A 42 -4.51 8.14 0.76
CA THR A 42 -4.39 9.40 -0.04
C THR A 42 -5.75 10.09 -0.20
N LEU A 43 -6.82 9.58 0.42
CA LEU A 43 -8.17 10.17 0.23
C LEU A 43 -8.61 11.02 1.43
N VAL A 44 -7.74 11.23 2.43
CA VAL A 44 -8.19 11.94 3.67
C VAL A 44 -7.49 13.30 3.83
N SER A 45 -7.03 13.89 2.72
CA SER A 45 -6.37 15.22 2.82
C SER A 45 -7.29 16.22 3.52
N ASP A 46 -6.73 17.03 4.41
CA ASP A 46 -7.43 18.12 5.14
C ASP A 46 -8.62 17.59 5.95
N ILE A 47 -8.55 16.35 6.44
CA ILE A 47 -9.63 15.82 7.32
C ILE A 47 -8.97 15.26 8.59
N ASP A 48 -9.55 15.57 9.74
CA ASP A 48 -9.09 15.00 11.03
C ASP A 48 -9.43 13.50 11.03
N ILE A 49 -8.41 12.63 11.15
CA ILE A 49 -8.65 11.16 11.16
C ILE A 49 -8.28 10.57 12.52
N THR A 50 -8.23 11.40 13.57
CA THR A 50 -7.96 10.92 14.95
C THR A 50 -8.92 9.77 15.30
N PHE A 51 -10.17 9.86 14.86
CA PHE A 51 -11.19 8.85 15.24
C PHE A 51 -10.83 7.45 14.73
N LEU A 52 -10.04 7.32 13.65
CA LEU A 52 -9.70 5.97 13.13
C LEU A 52 -8.91 5.15 14.14
N LYS A 53 -7.88 5.73 14.75
CA LYS A 53 -7.02 4.93 15.67
C LYS A 53 -7.46 5.09 17.12
N LYS A 54 -8.33 6.06 17.39
N LYS A 54 -8.33 6.05 17.41
CA LYS A 54 -8.83 6.39 18.76
CA LYS A 54 -8.74 6.35 18.81
C LYS A 54 -9.40 5.14 19.45
C LYS A 54 -9.40 5.12 19.47
N ASP A 55 -10.21 4.34 18.74
CA ASP A 55 -10.90 3.17 19.36
C ASP A 55 -10.20 1.85 19.04
N ALA A 56 -8.97 1.88 18.54
CA ALA A 56 -8.22 0.62 18.30
C ALA A 56 -7.93 -0.01 19.66
N PRO A 57 -7.72 -1.35 19.77
CA PRO A 57 -7.77 -2.28 18.64
C PRO A 57 -9.19 -2.66 18.24
N TYR A 58 -9.37 -3.07 16.97
CA TYR A 58 -10.68 -3.46 16.41
C TYR A 58 -10.67 -4.92 15.97
N ILE A 59 -11.84 -5.44 15.62
CA ILE A 59 -12.01 -6.79 15.00
C ILE A 59 -12.44 -6.57 13.55
N VAL A 60 -12.15 -7.54 12.66
CA VAL A 60 -12.57 -7.43 11.24
C VAL A 60 -14.09 -7.21 11.22
N GLY A 61 -14.57 -6.28 10.37
CA GLY A 61 -16.01 -5.99 10.29
C GLY A 61 -16.39 -4.75 11.07
N ASP A 62 -15.52 -4.29 11.98
CA ASP A 62 -15.83 -3.06 12.75
C ASP A 62 -15.87 -1.88 11.78
N VAL A 63 -16.80 -0.95 12.02
CA VAL A 63 -17.00 0.27 11.19
C VAL A 63 -16.88 1.49 12.08
N VAL A 64 -16.14 2.50 11.62
CA VAL A 64 -16.01 3.78 12.37
C VAL A 64 -16.37 4.89 11.38
N GLN A 65 -17.02 5.94 11.88
CA GLN A 65 -17.54 7.02 11.01
C GLN A 65 -17.39 8.38 11.68
N GLU A 66 -17.15 9.40 10.85
CA GLU A 66 -17.10 10.80 11.30
C GLU A 66 -17.20 11.68 10.05
N GLY A 67 -18.16 12.61 10.03
CA GLY A 67 -18.33 13.49 8.87
C GLY A 67 -18.53 12.68 7.58
N VAL A 68 -17.75 13.01 6.56
CA VAL A 68 -17.88 12.35 5.21
C VAL A 68 -17.17 11.00 5.19
N LEU A 69 -16.51 10.59 6.28
CA LEU A 69 -15.70 9.35 6.23
C LEU A 69 -16.37 8.18 6.94
N THR A 70 -16.22 7.03 6.30
CA THR A 70 -16.65 5.71 6.81
C THR A 70 -15.46 4.78 6.59
N ALA A 71 -15.05 4.05 7.63
CA ALA A 71 -13.94 3.10 7.48
C ALA A 71 -14.37 1.73 8.00
N VAL A 72 -13.97 0.69 7.29
CA VAL A 72 -14.25 -0.70 7.73
C VAL A 72 -12.94 -1.48 7.85
N VAL A 73 -12.85 -2.28 8.91
CA VAL A 73 -11.66 -3.15 9.16
C VAL A 73 -11.79 -4.37 8.26
N ILE A 74 -10.84 -4.58 7.35
CA ILE A 74 -10.94 -5.75 6.41
C ILE A 74 -9.87 -6.79 6.77
N PRO A 75 -10.08 -8.06 6.39
CA PRO A 75 -9.10 -9.12 6.66
C PRO A 75 -8.04 -9.29 5.57
N THR A 76 -7.10 -10.23 5.78
CA THR A 76 -6.02 -10.60 4.82
C THR A 76 -6.29 -12.01 4.25
N LYS A 77 -6.40 -12.16 2.93
CA LYS A 77 -6.73 -13.47 2.30
C LYS A 77 -5.72 -14.52 2.75
N GLY A 81 -9.03 -13.51 5.85
CA GLY A 81 -8.50 -14.85 5.56
C GLY A 81 -9.00 -15.39 4.23
N THR A 82 -10.30 -15.22 3.96
CA THR A 82 -10.92 -15.76 2.71
C THR A 82 -11.86 -14.71 2.10
N THR A 83 -12.50 -15.07 0.99
CA THR A 83 -13.47 -14.17 0.29
C THR A 83 -14.72 -14.03 1.17
N GLU A 84 -15.07 -15.11 1.86
CA GLU A 84 -16.24 -15.14 2.78
C GLU A 84 -16.07 -14.07 3.86
N LEU A 86 -14.14 -11.39 3.72
CA LEU A 86 -14.16 -10.06 3.11
C LEU A 86 -15.62 -9.65 2.85
N ALA A 87 -16.42 -10.54 2.26
CA ALA A 87 -17.84 -10.24 2.02
C ALA A 87 -18.47 -9.78 3.35
N LYS A 88 -18.29 -10.63 4.39
CA LYS A 88 -18.89 -10.41 5.74
C LYS A 88 -18.50 -9.04 6.29
N ALA A 89 -17.24 -8.64 6.09
CA ALA A 89 -16.79 -7.30 6.56
C ALA A 89 -17.55 -6.21 5.80
N LEU A 90 -17.61 -6.31 4.46
CA LEU A 90 -18.23 -5.20 3.68
C LEU A 90 -19.72 -5.08 3.99
N ARG A 91 -20.38 -6.17 4.36
CA ARG A 91 -21.84 -6.14 4.70
C ARG A 91 -22.10 -5.25 5.93
N LYS A 92 -21.08 -4.97 6.73
CA LYS A 92 -21.27 -4.13 7.96
C LYS A 92 -21.38 -2.65 7.59
N VAL A 93 -20.92 -2.27 6.40
CA VAL A 93 -20.98 -0.83 6.01
C VAL A 93 -22.44 -0.40 5.83
N PRO A 94 -22.87 0.73 6.46
CA PRO A 94 -24.23 1.23 6.29
C PRO A 94 -24.51 1.52 4.81
N THR A 95 -25.71 1.17 4.34
CA THR A 95 -26.05 1.38 2.92
C THR A 95 -26.02 2.86 2.59
N ASP A 96 -25.28 3.25 1.55
CA ASP A 96 -25.19 4.68 1.16
C ASP A 96 -24.45 4.78 -0.18
N ASN A 97 -24.30 6.03 -0.68
CA ASN A 97 -23.53 6.30 -1.91
C ASN A 97 -22.10 6.53 -1.46
N TYR A 98 -21.12 5.82 -2.02
CA TYR A 98 -19.71 6.01 -1.57
C TYR A 98 -18.72 6.06 -2.71
N ILE A 99 -17.74 6.95 -2.58
CA ILE A 99 -16.51 6.93 -3.42
C ILE A 99 -15.57 5.97 -2.68
N THR A 100 -14.99 5.02 -3.38
CA THR A 100 -14.07 4.08 -2.68
C THR A 100 -13.06 3.50 -3.65
N THR A 101 -12.31 2.51 -3.17
CA THR A 101 -11.32 1.74 -3.94
C THR A 101 -11.74 0.27 -3.82
N TYR A 102 -11.19 -0.62 -4.64
CA TYR A 102 -11.54 -2.06 -4.49
C TYR A 102 -10.99 -2.56 -3.16
N PRO A 103 -11.83 -3.19 -2.30
CA PRO A 103 -11.37 -3.68 -1.00
C PRO A 103 -10.43 -4.90 -1.09
N GLY A 104 -9.46 -4.97 -0.17
CA GLY A 104 -8.54 -6.11 -0.02
C GLY A 104 -7.36 -6.08 -0.99
N GLN A 105 -7.11 -4.96 -1.65
CA GLN A 105 -5.99 -4.96 -2.62
C GLN A 105 -4.67 -4.90 -1.82
N GLY A 106 -3.54 -5.00 -2.52
CA GLY A 106 -2.23 -4.89 -1.86
C GLY A 106 -1.96 -6.00 -0.86
N CYS A 107 -1.39 -5.63 0.30
CA CYS A 107 -0.98 -6.59 1.36
C CYS A 107 -2.10 -7.57 1.71
N ASN A 108 -3.37 -7.16 1.59
CA ASN A 108 -4.51 -8.01 2.02
C ASN A 108 -4.62 -9.23 1.11
N GLY A 109 -4.07 -9.16 -0.11
CA GLY A 109 -3.92 -10.34 -0.99
C GLY A 109 -5.10 -10.69 -1.88
N TYR A 110 -6.18 -9.89 -1.88
CA TYR A 110 -7.34 -10.20 -2.75
C TYR A 110 -7.10 -9.59 -4.14
N THR A 111 -7.78 -10.17 -5.14
CA THR A 111 -7.69 -9.71 -6.56
C THR A 111 -8.83 -8.73 -6.86
N VAL A 112 -8.74 -8.03 -7.99
CA VAL A 112 -9.81 -7.08 -8.41
C VAL A 112 -11.11 -7.87 -8.61
N GLU A 113 -11.02 -9.08 -9.17
CA GLU A 113 -12.23 -9.91 -9.43
C GLU A 113 -12.88 -10.29 -8.08
N GLU A 114 -12.09 -10.63 -7.07
CA GLU A 114 -12.62 -10.99 -5.73
C GLU A 114 -13.33 -9.78 -5.12
N ALA A 115 -12.78 -8.58 -5.31
CA ALA A 115 -13.35 -7.34 -4.74
C ALA A 115 -14.68 -7.01 -5.41
N LYS A 116 -14.75 -7.13 -6.74
CA LYS A 116 -15.99 -6.85 -7.51
C LYS A 116 -17.11 -7.76 -7.00
N THR A 117 -16.81 -9.05 -6.81
CA THR A 117 -17.80 -10.05 -6.31
C THR A 117 -18.38 -9.57 -4.97
N VAL A 118 -17.51 -9.18 -4.03
CA VAL A 118 -17.90 -8.75 -2.67
C VAL A 118 -18.75 -7.47 -2.72
N LEU A 119 -18.32 -6.47 -3.50
CA LEU A 119 -19.08 -5.19 -3.54
C LEU A 119 -20.47 -5.40 -4.17
N LYS A 120 -20.57 -6.27 -5.19
CA LYS A 120 -21.86 -6.50 -5.89
C LYS A 120 -22.86 -7.20 -4.95
N LYS A 121 -22.40 -7.74 -3.82
CA LYS A 121 -23.31 -8.40 -2.84
C LYS A 121 -23.85 -7.36 -1.86
N CYS A 122 -23.30 -6.15 -1.84
CA CYS A 122 -23.79 -5.08 -0.93
C CYS A 122 -24.89 -4.27 -1.63
N LYS A 123 -25.59 -3.42 -0.88
CA LYS A 123 -26.72 -2.61 -1.43
C LYS A 123 -26.29 -1.16 -1.66
N SER A 124 -25.01 -0.83 -1.40
CA SER A 124 -24.57 0.57 -1.60
C SER A 124 -24.28 0.87 -3.07
N ALA A 125 -24.30 2.17 -3.42
CA ALA A 125 -23.81 2.64 -4.73
C ALA A 125 -22.32 2.93 -4.52
N PHE A 126 -21.43 2.18 -5.19
CA PHE A 126 -19.97 2.40 -5.06
C PHE A 126 -19.41 2.98 -6.36
N TYR A 127 -18.61 4.04 -6.21
CA TYR A 127 -17.89 4.72 -7.31
C TYR A 127 -16.42 4.41 -7.04
N ILE A 128 -15.82 3.59 -7.91
CA ILE A 128 -14.43 3.10 -7.72
C ILE A 128 -13.44 4.03 -8.41
N LEU A 129 -12.51 4.58 -7.64
CA LEU A 129 -11.48 5.48 -8.23
C LEU A 129 -10.55 4.65 -9.12
N PRO A 130 -9.97 5.27 -10.16
CA PRO A 130 -9.07 4.58 -11.08
C PRO A 130 -7.77 4.09 -10.42
N SER A 131 -7.17 3.06 -11.02
CA SER A 131 -5.92 2.38 -10.56
C SER A 131 -6.26 1.40 -9.43
N ILE A 140 5.37 -2.83 -16.33
CA ILE A 140 6.26 -2.80 -15.13
C ILE A 140 7.69 -3.15 -15.58
N LEU A 141 8.67 -3.03 -14.66
CA LEU A 141 10.10 -3.27 -15.01
C LEU A 141 10.45 -4.72 -14.66
N GLY A 142 11.47 -5.27 -15.35
CA GLY A 142 11.84 -6.70 -15.22
C GLY A 142 12.31 -7.07 -13.83
N THR A 143 11.94 -8.28 -13.36
CA THR A 143 12.36 -8.79 -12.02
C THR A 143 13.75 -9.41 -12.17
N VAL A 144 14.64 -9.09 -11.23
CA VAL A 144 16.05 -9.54 -11.36
C VAL A 144 16.54 -10.12 -10.03
N SER A 145 17.70 -10.75 -10.13
N SER A 145 17.75 -10.68 -10.00
CA SER A 145 18.43 -11.22 -8.94
CA SER A 145 18.30 -11.19 -8.71
C SER A 145 19.79 -10.51 -8.96
C SER A 145 19.71 -10.62 -8.49
N TRP A 146 19.80 -9.29 -8.43
CA TRP A 146 21.05 -8.51 -8.33
C TRP A 146 21.51 -8.44 -6.88
N ASN A 147 22.83 -8.61 -6.68
CA ASN A 147 23.37 -8.49 -5.30
C ASN A 147 23.44 -6.99 -4.96
N LEU A 148 23.71 -6.68 -3.70
CA LEU A 148 23.73 -5.26 -3.24
C LEU A 148 24.68 -4.39 -4.09
N ARG A 149 25.88 -4.88 -4.39
CA ARG A 149 26.87 -4.11 -5.18
C ARG A 149 26.28 -3.81 -6.57
N GLU A 150 25.58 -4.76 -7.17
CA GLU A 150 24.94 -4.54 -8.50
C GLU A 150 23.81 -3.54 -8.39
N LEU A 152 23.49 -1.09 -6.16
CA LEU A 152 24.02 0.23 -5.90
C LEU A 152 24.56 0.85 -7.20
N ALA A 153 25.25 0.04 -8.03
CA ALA A 153 25.80 0.49 -9.31
C ALA A 153 24.64 0.90 -10.22
N HIS A 154 23.57 0.11 -10.20
CA HIS A 154 22.40 0.42 -11.05
C HIS A 154 21.73 1.72 -10.60
N ALA A 155 21.51 1.88 -9.28
CA ALA A 155 20.89 3.12 -8.75
C ALA A 155 21.73 4.33 -9.15
N GLU A 156 23.04 4.22 -9.01
CA GLU A 156 23.97 5.35 -9.30
C GLU A 156 23.80 5.80 -10.76
N GLU A 157 23.77 4.89 -11.73
CA GLU A 157 23.73 5.34 -13.16
C GLU A 157 22.31 5.70 -13.61
N THR A 158 21.27 5.03 -13.11
CA THR A 158 19.88 5.33 -13.57
C THR A 158 19.18 6.44 -12.76
N ARG A 159 19.73 6.81 -11.60
CA ARG A 159 19.10 7.82 -10.70
C ARG A 159 17.77 7.28 -10.14
N LYS A 160 17.55 5.96 -10.19
CA LYS A 160 16.37 5.37 -9.51
C LYS A 160 16.52 5.49 -7.99
N LEU A 161 15.42 5.62 -7.29
CA LEU A 161 15.44 5.73 -5.81
C LEU A 161 15.56 4.33 -5.23
N PRO A 163 15.20 2.19 -1.85
CA PRO A 163 14.83 2.06 -0.44
C PRO A 163 15.85 1.16 0.27
N VAL A 164 16.21 1.56 1.48
CA VAL A 164 17.19 0.81 2.31
C VAL A 164 16.71 0.79 3.76
N CYS A 165 16.63 -0.40 4.34
CA CYS A 165 16.24 -0.51 5.78
C CYS A 165 17.49 -0.25 6.64
N VAL A 166 17.45 0.77 7.50
CA VAL A 166 18.61 1.22 8.34
C VAL A 166 18.96 0.14 9.37
N GLU A 167 18.06 -0.80 9.67
CA GLU A 167 18.38 -1.86 10.68
C GLU A 167 19.24 -2.95 10.02
N THR A 168 19.32 -2.97 8.69
CA THR A 168 20.13 -4.00 8.00
C THR A 168 21.57 -3.49 7.96
N LYS A 169 22.33 -3.78 9.03
CA LYS A 169 23.71 -3.24 9.20
C LYS A 169 24.63 -3.62 8.04
N ALA A 170 24.51 -4.84 7.50
CA ALA A 170 25.40 -5.27 6.39
C ALA A 170 25.23 -4.33 5.19
N ILE A 171 24.01 -3.80 4.98
CA ILE A 171 23.77 -2.88 3.82
C ILE A 171 24.34 -1.51 4.17
N VAL A 172 24.02 -1.00 5.36
CA VAL A 172 24.47 0.34 5.80
C VAL A 172 26.00 0.40 5.73
N SER A 173 26.70 -0.63 6.25
CA SER A 173 28.19 -0.63 6.22
C SER A 173 28.70 -0.62 4.77
N THR A 174 28.05 -1.35 3.85
CA THR A 174 28.47 -1.36 2.43
C THR A 174 28.31 0.05 1.82
N ILE A 175 27.17 0.70 2.07
CA ILE A 175 26.93 2.07 1.55
C ILE A 175 27.96 3.04 2.13
N GLN A 176 28.22 2.96 3.45
CA GLN A 176 29.18 3.89 4.09
C GLN A 176 30.57 3.74 3.45
N ARG A 177 30.95 2.50 3.10
CA ARG A 177 32.30 2.22 2.53
C ARG A 177 32.35 2.60 1.05
N LYS A 178 31.26 2.40 0.31
CA LYS A 178 31.27 2.77 -1.14
C LYS A 178 31.17 4.29 -1.30
N TYR A 179 30.35 4.96 -0.50
CA TYR A 179 30.16 6.43 -0.66
C TYR A 179 30.77 7.15 0.54
N LYS A 180 32.10 7.20 0.57
CA LYS A 180 32.82 7.87 1.68
C LYS A 180 32.25 9.26 1.89
N GLY A 181 31.90 9.58 3.14
CA GLY A 181 31.41 10.91 3.51
C GLY A 181 29.90 10.95 3.61
N ILE A 182 29.21 9.89 3.17
CA ILE A 182 27.72 9.93 3.25
C ILE A 182 27.30 10.05 4.72
N LYS A 183 26.25 10.82 4.96
CA LYS A 183 25.61 10.95 6.29
C LYS A 183 24.27 10.21 6.19
N ILE A 184 24.27 8.96 6.66
CA ILE A 184 23.02 8.14 6.59
C ILE A 184 22.08 8.55 7.74
N GLN A 185 20.84 8.83 7.38
CA GLN A 185 19.77 9.17 8.34
C GLN A 185 18.47 8.75 7.65
N GLU A 186 17.41 8.58 8.44
CA GLU A 186 16.11 8.20 7.86
C GLU A 186 15.66 9.29 6.89
N GLY A 187 14.97 8.85 5.85
CA GLY A 187 14.46 9.76 4.80
C GLY A 187 15.28 9.69 3.54
N VAL A 188 14.96 10.56 2.60
CA VAL A 188 15.78 10.62 1.36
C VAL A 188 17.19 11.12 1.71
N VAL A 189 18.18 10.44 1.16
CA VAL A 189 19.60 10.88 1.21
C VAL A 189 20.13 10.72 -0.22
N ASP A 190 20.49 11.83 -0.85
CA ASP A 190 20.97 11.83 -2.26
C ASP A 190 22.46 12.16 -2.20
N TYR A 191 23.27 11.12 -2.16
CA TYR A 191 24.75 11.24 -2.03
C TYR A 191 25.33 9.99 -2.68
N GLY A 192 25.96 10.17 -3.86
CA GLY A 192 26.47 9.04 -4.65
C GLY A 192 25.32 8.42 -5.41
N ALA A 193 24.35 7.87 -4.67
CA ALA A 193 23.09 7.37 -5.26
C ALA A 193 21.93 7.98 -4.47
N ARG A 194 20.72 7.83 -4.98
CA ARG A 194 19.54 8.39 -4.30
C ARG A 194 18.88 7.27 -3.48
N PHE A 195 18.92 7.41 -2.16
CA PHE A 195 18.39 6.39 -1.21
C PHE A 195 17.16 6.89 -0.46
N TYR A 196 16.31 5.95 -0.07
CA TYR A 196 15.20 6.26 0.88
C TYR A 196 15.45 5.37 2.08
N PHE A 197 16.07 5.93 3.11
CA PHE A 197 16.39 5.15 4.33
C PHE A 197 15.16 5.09 5.23
N TYR A 198 14.82 3.89 5.67
CA TYR A 198 13.66 3.72 6.58
C TYR A 198 13.97 2.73 7.69
N THR A 199 13.18 2.83 8.75
CA THR A 199 13.23 1.86 9.87
C THR A 199 12.09 0.84 9.71
N SER A 200 12.35 -0.38 10.19
CA SER A 200 11.30 -1.43 10.30
C SER A 200 10.31 -1.03 11.39
N LYS A 201 10.57 0.06 12.13
CA LYS A 201 9.65 0.52 13.20
C LYS A 201 8.57 1.45 12.58
N THR A 202 8.58 1.56 11.25
CA THR A 202 7.47 2.25 10.52
C THR A 202 6.82 1.16 9.67
N THR A 203 5.52 1.29 9.43
CA THR A 203 4.81 0.22 8.70
C THR A 203 5.19 0.16 7.21
N VAL A 204 4.98 -1.01 6.63
CA VAL A 204 5.14 -1.18 5.15
C VAL A 204 4.15 -0.23 4.47
N ALA A 205 2.96 -0.06 5.04
CA ALA A 205 1.94 0.82 4.41
C ALA A 205 2.47 2.26 4.36
N SER A 206 3.06 2.74 5.46
CA SER A 206 3.54 4.15 5.48
C SER A 206 4.67 4.32 4.47
N LEU A 207 5.52 3.29 4.34
CA LEU A 207 6.67 3.34 3.39
C LEU A 207 6.14 3.38 1.96
N ILE A 208 5.19 2.52 1.63
CA ILE A 208 4.61 2.50 0.25
C ILE A 208 3.95 3.85 -0.06
N ASN A 209 3.22 4.42 0.90
CA ASN A 209 2.57 5.74 0.70
C ASN A 209 3.66 6.78 0.42
N THR A 210 4.76 6.72 1.18
CA THR A 210 5.86 7.70 0.98
C THR A 210 6.45 7.56 -0.42
N LEU A 211 6.77 6.34 -0.84
CA LEU A 211 7.34 6.11 -2.19
C LEU A 211 6.34 6.50 -3.27
N ASN A 212 5.05 6.27 -3.03
CA ASN A 212 4.04 6.67 -4.03
C ASN A 212 4.03 8.20 -4.16
N ASP A 213 4.16 8.88 -3.03
CA ASP A 213 4.15 10.37 -3.02
C ASP A 213 5.41 10.92 -3.69
N LEU A 214 6.57 10.29 -3.47
CA LEU A 214 7.80 10.77 -4.15
C LEU A 214 7.66 10.59 -5.66
N ASN A 215 6.89 9.58 -6.09
CA ASN A 215 6.57 9.35 -7.51
C ASN A 215 7.86 9.14 -8.31
N GLU A 216 8.83 8.41 -7.75
CA GLU A 216 10.10 8.16 -8.48
C GLU A 216 10.18 6.68 -8.83
N THR A 217 10.84 6.37 -9.95
CA THR A 217 11.13 4.96 -10.30
C THR A 217 12.07 4.40 -9.24
N LEU A 218 11.85 3.15 -8.85
CA LEU A 218 12.61 2.49 -7.77
C LEU A 218 13.48 1.36 -8.30
N VAL A 219 14.55 1.09 -7.54
CA VAL A 219 15.27 -0.21 -7.63
C VAL A 219 15.19 -0.71 -6.18
N THR A 220 14.56 -1.86 -5.96
CA THR A 220 14.30 -2.24 -4.56
C THR A 220 14.23 -3.75 -4.38
N PRO A 222 12.00 -6.67 -2.32
CA PRO A 222 10.57 -6.70 -1.99
C PRO A 222 10.36 -6.07 -0.59
N LEU A 223 9.49 -5.06 -0.51
CA LEU A 223 9.33 -4.30 0.76
C LEU A 223 8.61 -5.15 1.82
N GLY A 224 9.16 -5.16 3.03
CA GLY A 224 8.56 -5.90 4.15
C GLY A 224 9.17 -7.28 4.30
N TYR A 225 9.73 -7.79 3.21
CA TYR A 225 10.39 -9.12 3.21
C TYR A 225 11.50 -9.10 4.25
N VAL A 226 11.36 -9.94 5.27
CA VAL A 226 12.30 -10.10 6.42
C VAL A 226 12.20 -8.90 7.38
N THR A 227 12.40 -7.68 6.88
CA THR A 227 12.43 -6.48 7.75
C THR A 227 11.15 -6.36 8.60
N HIS A 228 9.99 -6.68 8.02
CA HIS A 228 8.69 -6.58 8.73
C HIS A 228 8.10 -7.98 8.93
N GLY A 229 8.96 -9.00 8.90
CA GLY A 229 8.53 -10.39 9.14
C GLY A 229 7.77 -11.01 7.98
N LEU A 230 7.71 -10.35 6.82
CA LEU A 230 6.97 -10.95 5.67
C LEU A 230 7.81 -11.99 4.94
N ASN A 231 7.13 -13.02 4.41
CA ASN A 231 7.77 -13.99 3.49
C ASN A 231 7.69 -13.37 2.09
N LEU A 232 8.21 -14.06 1.07
CA LEU A 232 8.28 -13.46 -0.28
C LEU A 232 6.87 -13.28 -0.85
N GLU A 233 5.98 -14.24 -0.60
CA GLU A 233 4.59 -14.13 -1.15
C GLU A 233 3.89 -12.93 -0.52
N GLU A 234 4.01 -12.78 0.81
CA GLU A 234 3.40 -11.64 1.55
C GLU A 234 3.96 -10.31 1.05
N ALA A 235 5.28 -10.23 0.82
CA ALA A 235 5.91 -9.01 0.29
C ALA A 235 5.36 -8.71 -1.12
N ALA A 236 5.29 -9.72 -1.99
CA ALA A 236 4.77 -9.55 -3.38
C ALA A 236 3.36 -8.96 -3.32
N ARG A 237 2.51 -9.45 -2.40
CA ARG A 237 1.13 -8.91 -2.27
C ARG A 237 1.21 -7.42 -1.92
N CYS A 238 2.04 -7.05 -0.95
CA CYS A 238 2.19 -5.63 -0.52
C CYS A 238 2.67 -4.75 -1.67
N ARG A 240 1.97 -4.75 -4.64
CA ARG A 240 0.93 -4.37 -5.60
C ARG A 240 0.37 -2.97 -5.28
N SER A 241 0.60 -2.46 -4.06
CA SER A 241 0.12 -1.11 -3.63
C SER A 241 1.06 -0.02 -4.15
N LEU A 242 2.23 -0.40 -4.69
CA LEU A 242 3.13 0.64 -5.30
C LEU A 242 2.49 1.16 -6.57
N LYS A 243 2.48 2.47 -6.76
CA LYS A 243 1.91 3.13 -7.96
C LYS A 243 3.06 3.70 -8.80
N VAL A 244 4.30 3.36 -8.45
CA VAL A 244 5.47 3.80 -9.24
C VAL A 244 6.11 2.57 -9.87
N PRO A 245 6.84 2.75 -11.00
CA PRO A 245 7.57 1.66 -11.63
C PRO A 245 8.74 1.25 -10.73
N ALA A 246 9.05 -0.05 -10.74
CA ALA A 246 10.10 -0.53 -9.84
C ALA A 246 10.82 -1.73 -10.45
N THR A 247 12.14 -1.68 -10.42
CA THR A 247 12.98 -2.85 -10.74
C THR A 247 13.10 -3.60 -9.41
N VAL A 248 12.47 -4.78 -9.31
CA VAL A 248 12.53 -5.55 -8.05
C VAL A 248 13.62 -6.62 -8.14
N SER A 249 14.50 -6.60 -7.12
CA SER A 249 15.64 -7.53 -7.02
C SER A 249 15.37 -8.52 -5.90
N VAL A 250 15.38 -9.81 -6.24
CA VAL A 250 15.10 -10.88 -5.25
C VAL A 250 16.42 -11.64 -5.03
N SER A 251 16.37 -12.56 -4.08
CA SER A 251 17.58 -13.24 -3.54
C SER A 251 18.31 -14.14 -4.54
N SER A 252 17.58 -14.83 -5.42
CA SER A 252 18.24 -15.81 -6.32
C SER A 252 17.41 -16.00 -7.58
N PRO A 253 17.96 -16.59 -8.67
CA PRO A 253 17.19 -16.88 -9.88
C PRO A 253 15.91 -17.68 -9.60
N ASP A 254 15.94 -18.58 -8.62
CA ASP A 254 14.74 -19.36 -8.24
C ASP A 254 13.68 -18.43 -7.62
N ALA A 255 14.12 -17.47 -6.80
CA ALA A 255 13.19 -16.49 -6.19
C ALA A 255 12.55 -15.63 -7.29
N VAL A 256 13.24 -15.47 -8.43
CA VAL A 256 12.67 -14.64 -9.55
C VAL A 256 11.41 -15.35 -10.05
N THR A 257 11.53 -16.65 -10.31
CA THR A 257 10.39 -17.47 -10.80
C THR A 257 9.27 -17.40 -9.75
N ALA A 258 9.61 -17.69 -8.49
CA ALA A 258 8.63 -17.66 -7.37
C ALA A 258 7.94 -16.30 -7.29
N TYR A 259 8.71 -15.21 -7.28
CA TYR A 259 8.15 -13.85 -7.15
C TYR A 259 7.23 -13.53 -8.33
N ASN A 260 7.70 -13.76 -9.56
CA ASN A 260 6.90 -13.48 -10.79
C ASN A 260 5.71 -14.45 -10.80
N GLY A 261 5.83 -15.58 -10.09
CA GLY A 261 4.69 -16.50 -9.96
C GLY A 261 3.61 -15.90 -9.08
N TYR A 262 4.01 -15.22 -7.99
CA TYR A 262 3.04 -14.57 -7.06
C TYR A 262 2.41 -13.35 -7.72
#